data_7TN8
#
_entry.id   7TN8
#
_cell.length_a   99.070
_cell.length_b   99.070
_cell.length_c   215.444
_cell.angle_alpha   90.000
_cell.angle_beta   90.000
_cell.angle_gamma   120.000
#
_symmetry.space_group_name_H-M   'P 61 2 2'
#
loop_
_entity.id
_entity.type
_entity.pdbx_description
1 polymer 'Inositol-tetrakisphosphate 1-kinase 1'
2 non-polymer 'INOSITOL HEXAKISPHOSPHATE'
3 non-polymer 'CHLORIDE ION'
4 water water
#
_entity_poly.entity_id   1
_entity_poly.type   'polypeptide(L)'
_entity_poly.pdbx_seq_one_letter_code
;MASDAAAEPSSGVTHPPRYVIGYALAPKKQQSFIQPSLVAQAASRGMDLVPVDASQPLAEQGPFHLLIHKLYGDDWRAQL
VAFAARHPAVPIVDPPHAIDRLHNRISMLQVVSELDHAADQDSTFGIPSQVVVYDAAALADFGLLAALRFPLIAKPLVAD
GTAKSHKMSLVYHREGLGKLRPPLVLQEFVNAGGVIFKVYVVGGHVTCVKRRSLPDVSPEDDASAQGSVSFSQVSNLPTE
RTAEEYYGEKSLEDAVVPPAAFINQIAGGLRRALGLQLFNFDMIRDVRAGDRYLVIDINYFPGYAKMPGYETVLTDFFWE
MVHKDGVGNQQEEKGANHVVVK
;
_entity_poly.pdbx_strand_id   A
#
# COMPACT_ATOMS: atom_id res chain seq x y z
N PRO A 16 34.36 6.76 11.16
CA PRO A 16 32.92 6.37 11.08
C PRO A 16 32.22 7.17 9.97
N PRO A 17 31.96 6.63 8.75
CA PRO A 17 31.58 7.46 7.62
C PRO A 17 30.10 7.87 7.76
N ARG A 18 29.65 8.79 6.91
CA ARG A 18 28.22 9.23 6.89
C ARG A 18 27.52 8.76 5.62
N TYR A 19 26.25 8.40 5.75
CA TYR A 19 25.39 7.90 4.65
C TYR A 19 24.41 8.98 4.24
N VAL A 20 24.34 9.25 2.94
CA VAL A 20 23.42 10.26 2.37
C VAL A 20 22.16 9.53 1.94
N ILE A 21 21.03 9.87 2.53
CA ILE A 21 19.70 9.27 2.21
C ILE A 21 18.95 10.28 1.36
N GLY A 22 18.91 10.15 0.05
CA GLY A 22 18.15 11.12 -0.77
C GLY A 22 16.66 10.80 -0.70
N TYR A 23 15.79 11.78 -0.80
CA TYR A 23 14.34 11.61 -0.74
C TYR A 23 13.66 12.51 -1.78
N ALA A 24 12.87 11.85 -2.65
CA ALA A 24 12.10 12.50 -3.72
C ALA A 24 10.63 12.22 -3.44
N LEU A 25 9.99 13.17 -2.80
CA LEU A 25 8.60 13.12 -2.31
C LEU A 25 7.89 14.41 -2.71
N ALA A 26 6.59 14.32 -3.01
CA ALA A 26 5.70 15.49 -3.15
C ALA A 26 5.76 16.28 -1.87
N PRO A 27 5.53 17.61 -1.92
CA PRO A 27 5.56 18.44 -0.72
C PRO A 27 4.63 18.02 0.42
N LYS A 28 3.44 17.53 0.09
CA LYS A 28 2.45 17.14 1.13
C LYS A 28 3.00 15.91 1.85
N LYS A 29 3.68 15.01 1.13
CA LYS A 29 4.26 13.76 1.68
C LYS A 29 5.54 14.09 2.46
N GLN A 30 6.25 15.15 2.07
CA GLN A 30 7.42 15.68 2.82
C GLN A 30 6.91 16.20 4.16
N GLN A 31 5.84 16.96 4.15
CA GLN A 31 5.29 17.58 5.39
C GLN A 31 4.93 16.47 6.38
N SER A 32 4.43 15.31 5.94
CA SER A 32 3.93 14.30 6.89
C SER A 32 5.11 13.43 7.32
N PHE A 33 5.94 13.00 6.38
CA PHE A 33 6.93 11.91 6.59
C PHE A 33 8.31 12.43 7.04
N ILE A 34 8.78 13.55 6.46
CA ILE A 34 10.10 14.19 6.77
C ILE A 34 9.86 15.25 7.83
N GLN A 35 9.77 14.80 9.07
CA GLN A 35 9.58 15.66 10.25
C GLN A 35 10.92 15.87 10.95
N PRO A 36 11.05 16.98 11.67
CA PRO A 36 12.32 17.30 12.33
C PRO A 36 12.79 16.13 13.18
N SER A 37 11.84 15.47 13.84
CA SER A 37 12.15 14.34 14.77
C SER A 37 12.79 13.18 14.01
N LEU A 38 12.45 12.94 12.76
CA LEU A 38 13.07 11.85 11.95
C LEU A 38 14.44 12.27 11.42
N VAL A 39 14.48 13.52 10.94
CA VAL A 39 15.73 14.14 10.41
C VAL A 39 16.80 14.10 11.51
N ALA A 40 16.46 14.49 12.73
CA ALA A 40 17.42 14.59 13.86
C ALA A 40 17.80 13.19 14.35
N GLN A 41 16.81 12.31 14.52
CA GLN A 41 17.10 10.93 14.95
C GLN A 41 18.08 10.30 13.95
N ALA A 42 17.84 10.43 12.66
CA ALA A 42 18.70 9.82 11.63
C ALA A 42 20.10 10.51 11.61
N ALA A 43 20.19 11.84 11.66
CA ALA A 43 21.49 12.57 11.75
C ALA A 43 22.27 12.11 13.00
N SER A 44 21.64 11.91 14.17
CA SER A 44 22.32 11.42 15.40
C SER A 44 23.00 10.07 15.15
N ARG A 45 22.63 9.33 14.11
CA ARG A 45 23.15 7.97 13.83
C ARG A 45 23.97 7.96 12.54
N GLY A 46 24.24 9.14 11.99
CA GLY A 46 25.19 9.27 10.88
C GLY A 46 24.51 9.15 9.53
N MET A 47 23.20 9.32 9.50
CA MET A 47 22.43 9.30 8.25
C MET A 47 21.80 10.67 7.97
N ASP A 48 22.11 11.21 6.80
CA ASP A 48 21.77 12.59 6.39
C ASP A 48 20.65 12.53 5.35
N LEU A 49 19.46 13.00 5.72
CA LEU A 49 18.30 13.05 4.80
C LEU A 49 18.46 14.28 3.92
N VAL A 50 18.57 14.06 2.62
CA VAL A 50 18.86 15.15 1.66
C VAL A 50 17.71 15.16 0.66
N PRO A 51 17.04 16.31 0.49
CA PRO A 51 15.98 16.41 -0.48
C PRO A 51 16.61 16.43 -1.87
N VAL A 52 15.93 15.75 -2.80
CA VAL A 52 16.24 15.70 -4.25
C VAL A 52 15.56 16.89 -4.88
N ASP A 53 16.30 17.64 -5.69
CA ASP A 53 15.79 18.86 -6.37
C ASP A 53 14.91 18.38 -7.52
N ALA A 54 13.65 18.75 -7.57
CA ALA A 54 12.75 18.31 -8.66
C ALA A 54 13.11 19.11 -9.92
N SER A 55 13.75 20.28 -9.76
CA SER A 55 14.14 21.26 -10.82
C SER A 55 15.48 20.91 -11.50
N GLN A 56 16.28 19.97 -11.00
CA GLN A 56 17.52 19.54 -11.69
C GLN A 56 17.39 18.07 -12.01
N PRO A 57 18.11 17.52 -13.01
CA PRO A 57 18.24 16.08 -13.12
C PRO A 57 18.78 15.45 -11.84
N LEU A 58 18.33 14.25 -11.53
CA LEU A 58 18.84 13.43 -10.43
C LEU A 58 20.32 13.12 -10.66
N ALA A 59 20.76 13.05 -11.91
CA ALA A 59 22.16 12.64 -12.25
C ALA A 59 23.16 13.73 -11.81
N GLU A 60 22.69 14.96 -11.65
CA GLU A 60 23.61 16.04 -11.23
C GLU A 60 23.62 16.18 -9.71
N GLN A 61 22.81 15.41 -9.02
CA GLN A 61 22.68 15.52 -7.55
C GLN A 61 23.40 14.36 -6.86
N GLY A 62 23.52 14.46 -5.56
CA GLY A 62 24.17 13.41 -4.78
C GLY A 62 25.66 13.60 -4.58
N PRO A 63 26.48 12.56 -4.36
CA PRO A 63 26.07 11.14 -4.39
C PRO A 63 25.19 10.63 -3.24
N PHE A 64 24.49 9.51 -3.47
CA PHE A 64 23.57 8.96 -2.45
C PHE A 64 23.96 7.54 -2.10
N HIS A 65 23.72 7.16 -0.86
CA HIS A 65 23.96 5.78 -0.36
C HIS A 65 22.61 5.03 -0.33
N LEU A 66 21.53 5.78 -0.52
CA LEU A 66 20.15 5.28 -0.48
C LEU A 66 19.27 6.35 -1.04
N LEU A 67 18.26 5.91 -1.78
CA LEU A 67 17.28 6.78 -2.47
C LEU A 67 15.87 6.27 -2.16
N ILE A 68 15.05 7.09 -1.52
CA ILE A 68 13.65 6.77 -1.25
C ILE A 68 12.82 7.77 -2.03
N HIS A 69 11.70 7.35 -2.64
CA HIS A 69 10.83 8.24 -3.44
C HIS A 69 9.38 7.79 -3.45
N LYS A 70 8.49 8.73 -3.70
CA LYS A 70 7.07 8.49 -4.05
C LYS A 70 6.70 9.50 -5.14
N LEU A 71 7.27 9.33 -6.32
CA LEU A 71 6.93 10.16 -7.51
C LEU A 71 6.58 9.22 -8.64
N TYR A 72 5.75 9.68 -9.55
CA TYR A 72 5.40 8.89 -10.75
C TYR A 72 5.50 9.78 -12.00
N GLY A 73 5.61 9.14 -13.18
CA GLY A 73 5.82 9.82 -14.47
C GLY A 73 6.90 9.11 -15.26
N ASP A 74 6.98 9.38 -16.56
CA ASP A 74 7.96 8.70 -17.46
C ASP A 74 9.33 9.37 -17.28
N ASP A 75 9.34 10.69 -17.04
CA ASP A 75 10.56 11.50 -16.75
C ASP A 75 11.23 10.98 -15.47
N TRP A 76 10.49 10.98 -14.34
CA TRP A 76 10.96 10.39 -13.06
C TRP A 76 11.47 8.96 -13.30
N ARG A 77 10.75 8.13 -14.07
CA ARG A 77 11.17 6.71 -14.31
C ARG A 77 12.49 6.69 -15.08
N ALA A 78 12.63 7.52 -16.12
CA ALA A 78 13.86 7.56 -16.94
C ALA A 78 15.05 7.81 -16.01
N GLN A 79 14.93 8.87 -15.19
CA GLN A 79 15.94 9.25 -14.18
C GLN A 79 16.33 8.03 -13.33
N LEU A 80 15.34 7.28 -12.81
CA LEU A 80 15.65 6.12 -11.92
C LEU A 80 16.35 5.02 -12.72
N VAL A 81 15.98 4.85 -14.00
CA VAL A 81 16.64 3.84 -14.88
C VAL A 81 18.09 4.28 -15.12
N ALA A 82 18.27 5.54 -15.50
CA ALA A 82 19.61 6.16 -15.65
C ALA A 82 20.40 5.87 -14.36
N PHE A 83 19.85 6.35 -13.24
CA PHE A 83 20.49 6.27 -11.91
C PHE A 83 20.90 4.82 -11.64
N ALA A 84 20.02 3.86 -11.88
CA ALA A 84 20.21 2.44 -11.52
C ALA A 84 21.35 1.84 -12.36
N ALA A 85 21.47 2.29 -13.61
CA ALA A 85 22.58 1.91 -14.52
C ALA A 85 23.90 2.54 -14.04
N ARG A 86 23.93 3.86 -13.80
CA ARG A 86 25.13 4.58 -13.28
C ARG A 86 25.56 4.03 -11.90
N HIS A 87 24.64 3.52 -11.07
CA HIS A 87 24.89 3.24 -9.62
C HIS A 87 24.24 1.94 -9.19
N PRO A 88 24.73 0.78 -9.65
CA PRO A 88 24.03 -0.47 -9.42
C PRO A 88 23.95 -0.89 -7.93
N ALA A 89 24.86 -0.42 -7.09
CA ALA A 89 25.04 -0.83 -5.67
C ALA A 89 24.11 -0.03 -4.73
N VAL A 90 23.57 1.08 -5.23
CA VAL A 90 22.77 2.02 -4.39
C VAL A 90 21.32 1.58 -4.36
N PRO A 91 20.80 1.12 -3.23
CA PRO A 91 19.42 0.70 -3.13
C PRO A 91 18.40 1.82 -3.37
N ILE A 92 17.35 1.48 -4.10
CA ILE A 92 16.23 2.40 -4.43
C ILE A 92 15.00 1.87 -3.73
N VAL A 93 14.32 2.73 -2.98
CA VAL A 93 13.09 2.32 -2.26
C VAL A 93 11.97 3.21 -2.79
N ASP A 94 11.02 2.60 -3.49
CA ASP A 94 11.26 1.27 -4.11
C ASP A 94 11.54 1.39 -5.61
N PRO A 95 12.09 0.36 -6.25
CA PRO A 95 12.35 0.39 -7.68
C PRO A 95 11.01 0.53 -8.43
N PRO A 96 10.97 1.29 -9.54
CA PRO A 96 9.73 1.52 -10.28
C PRO A 96 9.14 0.23 -10.88
N HIS A 97 9.99 -0.72 -11.25
CA HIS A 97 9.59 -2.03 -11.81
C HIS A 97 8.74 -2.77 -10.78
N ALA A 98 9.06 -2.61 -9.51
CA ALA A 98 8.35 -3.24 -8.38
C ALA A 98 7.07 -2.47 -8.06
N ILE A 99 7.07 -1.14 -8.13
CA ILE A 99 5.81 -0.36 -7.93
C ILE A 99 4.83 -0.65 -9.07
N ASP A 100 5.35 -1.11 -10.22
CA ASP A 100 4.53 -1.43 -11.43
C ASP A 100 3.55 -2.57 -11.11
N ARG A 101 4.02 -3.58 -10.36
CA ARG A 101 3.26 -4.75 -9.89
C ARG A 101 1.95 -4.31 -9.22
N LEU A 102 1.85 -3.09 -8.72
CA LEU A 102 0.57 -2.59 -8.11
C LEU A 102 -0.33 -1.95 -9.16
N HIS A 103 0.15 -1.71 -10.38
CA HIS A 103 -0.53 -0.80 -11.34
C HIS A 103 -1.93 -1.36 -11.67
N ASN A 104 -2.01 -2.67 -11.86
CA ASN A 104 -3.25 -3.37 -12.23
C ASN A 104 -3.70 -4.18 -11.00
N ARG A 105 -4.90 -3.91 -10.48
CA ARG A 105 -5.36 -4.56 -9.22
C ARG A 105 -5.33 -6.08 -9.38
N ILE A 106 -5.74 -6.56 -10.55
CA ILE A 106 -5.85 -8.02 -10.82
C ILE A 106 -4.46 -8.62 -10.93
N SER A 107 -3.48 -8.00 -11.61
CA SER A 107 -2.09 -8.56 -11.67
C SER A 107 -1.50 -8.53 -10.26
N MET A 108 -1.76 -7.46 -9.51
CA MET A 108 -1.23 -7.35 -8.13
C MET A 108 -1.63 -8.58 -7.32
N LEU A 109 -2.93 -8.86 -7.26
CA LEU A 109 -3.47 -9.96 -6.43
C LEU A 109 -2.96 -11.30 -7.01
N GLN A 110 -2.69 -11.37 -8.32
CA GLN A 110 -2.11 -12.60 -8.91
C GLN A 110 -0.72 -12.84 -8.29
N VAL A 111 0.11 -11.80 -8.21
CA VAL A 111 1.51 -11.90 -7.68
C VAL A 111 1.47 -12.38 -6.22
N VAL A 112 0.52 -11.89 -5.45
CA VAL A 112 0.29 -12.29 -4.04
C VAL A 112 -0.20 -13.73 -3.96
N SER A 113 -0.94 -14.21 -4.97
CA SER A 113 -1.54 -15.56 -4.97
C SER A 113 -0.44 -16.62 -5.11
N GLU A 114 0.66 -16.29 -5.77
CA GLU A 114 1.83 -17.18 -5.99
C GLU A 114 2.67 -17.36 -4.71
N LEU A 115 2.19 -16.92 -3.53
CA LEU A 115 2.71 -17.38 -2.21
C LEU A 115 2.17 -18.78 -1.86
N ASP A 116 2.93 -19.52 -1.03
CA ASP A 116 2.64 -20.91 -0.57
C ASP A 116 1.98 -20.86 0.82
N HIS A 117 2.39 -21.74 1.76
CA HIS A 117 1.89 -21.77 3.16
C HIS A 117 2.97 -22.32 4.11
N GLN A 121 1.11 -24.24 9.14
CA GLN A 121 0.54 -23.03 9.79
C GLN A 121 -0.93 -23.29 10.14
N ASP A 122 -1.41 -22.74 11.26
CA ASP A 122 -2.76 -22.97 11.87
C ASP A 122 -3.82 -22.03 11.26
N SER A 123 -3.39 -20.93 10.61
CA SER A 123 -4.22 -20.02 9.78
C SER A 123 -3.94 -20.31 8.29
N THR A 124 -4.95 -20.16 7.41
CA THR A 124 -4.81 -20.10 5.92
C THR A 124 -5.00 -18.64 5.48
N PHE A 125 -4.54 -18.30 4.27
CA PHE A 125 -4.69 -16.96 3.64
C PHE A 125 -5.01 -17.10 2.14
N GLY A 126 -6.10 -16.47 1.69
CA GLY A 126 -6.53 -16.52 0.29
C GLY A 126 -6.82 -15.14 -0.28
N ILE A 127 -7.26 -15.09 -1.53
CA ILE A 127 -7.61 -13.85 -2.27
C ILE A 127 -9.07 -13.90 -2.63
N PRO A 128 -9.87 -12.87 -2.32
CA PRO A 128 -11.28 -12.91 -2.69
C PRO A 128 -11.42 -12.81 -4.22
N SER A 129 -12.44 -13.46 -4.77
CA SER A 129 -12.79 -13.35 -6.22
C SER A 129 -13.18 -11.90 -6.54
N GLN A 130 -12.96 -11.50 -7.78
CA GLN A 130 -13.14 -10.12 -8.26
C GLN A 130 -14.02 -10.16 -9.52
N VAL A 131 -14.89 -9.17 -9.72
CA VAL A 131 -15.62 -8.96 -11.00
C VAL A 131 -14.99 -7.73 -11.66
N VAL A 132 -14.52 -7.88 -12.91
CA VAL A 132 -13.93 -6.77 -13.71
C VAL A 132 -14.95 -6.27 -14.71
N VAL A 133 -15.28 -4.99 -14.64
CA VAL A 133 -16.25 -4.36 -15.57
C VAL A 133 -15.51 -3.30 -16.35
N TYR A 134 -15.48 -3.42 -17.67
CA TYR A 134 -14.58 -2.57 -18.49
C TYR A 134 -15.33 -1.33 -18.99
N ASP A 135 -16.63 -1.42 -19.27
CA ASP A 135 -17.31 -0.25 -19.88
C ASP A 135 -18.72 -0.01 -19.30
N ALA A 136 -19.07 1.29 -19.27
CA ALA A 136 -20.39 1.89 -19.04
C ALA A 136 -21.55 0.97 -19.42
N ALA A 137 -21.58 0.42 -20.64
CA ALA A 137 -22.68 -0.47 -21.13
C ALA A 137 -22.89 -1.65 -20.19
N ALA A 138 -21.79 -2.30 -19.81
CA ALA A 138 -21.77 -3.57 -19.05
C ALA A 138 -22.18 -3.26 -17.62
N LEU A 139 -21.82 -2.07 -17.16
CA LEU A 139 -22.15 -1.60 -15.80
C LEU A 139 -23.67 -1.49 -15.65
N ALA A 140 -24.38 -1.19 -16.74
CA ALA A 140 -25.86 -1.26 -16.81
C ALA A 140 -26.37 -2.70 -16.96
N ASP A 141 -25.86 -3.48 -17.91
CA ASP A 141 -26.72 -4.57 -18.46
C ASP A 141 -26.14 -5.96 -18.14
N PHE A 142 -25.02 -6.03 -17.39
CA PHE A 142 -24.37 -7.31 -17.02
C PHE A 142 -25.17 -7.96 -15.91
N GLY A 143 -25.71 -9.14 -16.22
CA GLY A 143 -26.72 -9.86 -15.42
C GLY A 143 -26.18 -10.24 -14.08
N LEU A 144 -24.90 -10.60 -14.03
CA LEU A 144 -24.29 -11.16 -12.81
C LEU A 144 -24.26 -10.09 -11.71
N LEU A 145 -24.07 -8.83 -12.07
CA LEU A 145 -24.04 -7.74 -11.08
C LEU A 145 -25.27 -7.80 -10.18
N ALA A 146 -26.39 -8.39 -10.63
CA ALA A 146 -27.68 -8.31 -9.91
C ALA A 146 -27.76 -9.41 -8.84
N ALA A 147 -26.79 -10.32 -8.79
CA ALA A 147 -26.66 -11.37 -7.75
C ALA A 147 -25.48 -11.07 -6.82
N LEU A 148 -24.96 -9.85 -6.80
CA LEU A 148 -23.90 -9.47 -5.85
C LEU A 148 -24.53 -9.08 -4.53
N ARG A 149 -23.82 -9.25 -3.43
CA ARG A 149 -24.30 -8.87 -2.09
C ARG A 149 -23.65 -7.53 -1.75
N PHE A 150 -24.40 -6.61 -1.15
CA PHE A 150 -23.89 -5.29 -0.74
C PHE A 150 -23.62 -5.29 0.77
N PRO A 151 -22.73 -4.45 1.31
CA PRO A 151 -21.86 -3.59 0.52
C PRO A 151 -20.72 -4.25 -0.25
N LEU A 152 -20.28 -3.58 -1.30
CA LEU A 152 -19.19 -4.00 -2.20
C LEU A 152 -18.03 -3.02 -2.10
N ILE A 153 -16.83 -3.54 -2.19
CA ILE A 153 -15.60 -2.75 -2.43
C ILE A 153 -15.46 -2.60 -3.95
N ALA A 154 -15.49 -1.37 -4.47
CA ALA A 154 -15.16 -0.99 -5.85
C ALA A 154 -13.80 -0.28 -5.83
N LYS A 155 -13.05 -0.40 -6.91
CA LYS A 155 -11.66 0.10 -7.03
C LYS A 155 -11.40 0.18 -8.52
N PRO A 156 -10.80 1.27 -9.02
CA PRO A 156 -10.38 1.30 -10.42
C PRO A 156 -9.42 0.15 -10.70
N LEU A 157 -9.46 -0.37 -11.93
CA LEU A 157 -8.64 -1.52 -12.38
C LEU A 157 -7.16 -1.16 -12.43
N VAL A 158 -6.86 0.04 -12.93
CA VAL A 158 -5.46 0.53 -13.09
C VAL A 158 -5.34 1.85 -12.35
N ALA A 159 -4.17 2.12 -11.78
CA ALA A 159 -4.10 3.32 -10.92
C ALA A 159 -2.84 4.17 -10.98
N ASP A 160 -1.70 3.62 -10.54
CA ASP A 160 -0.44 4.31 -10.13
C ASP A 160 -0.27 5.75 -10.65
N GLY A 161 -0.18 6.67 -9.70
CA GLY A 161 -0.16 8.12 -9.97
C GLY A 161 -1.19 8.85 -9.12
N THR A 162 -2.27 9.35 -9.74
CA THR A 162 -3.33 10.12 -9.04
C THR A 162 -3.85 9.30 -7.86
N ALA A 163 -3.93 9.92 -6.68
CA ALA A 163 -4.29 9.27 -5.40
C ALA A 163 -5.70 8.67 -5.41
N LYS A 164 -6.63 9.27 -6.16
CA LYS A 164 -8.05 8.79 -6.24
C LYS A 164 -8.12 7.36 -6.79
N SER A 165 -7.24 7.02 -7.72
CA SER A 165 -7.15 5.65 -8.27
C SER A 165 -6.77 4.67 -7.17
N HIS A 166 -5.90 5.08 -6.23
CA HIS A 166 -5.47 4.25 -5.06
C HIS A 166 -6.60 4.09 -4.03
N LYS A 167 -7.61 4.95 -4.05
CA LYS A 167 -8.72 4.81 -3.08
C LYS A 167 -9.68 3.65 -3.42
N MET A 168 -10.06 2.89 -2.40
CA MET A 168 -11.05 1.78 -2.53
C MET A 168 -12.34 2.25 -1.83
N SER A 169 -13.46 2.32 -2.55
CA SER A 169 -14.81 2.79 -2.07
C SER A 169 -15.64 1.64 -1.47
N LEU A 170 -16.33 1.84 -0.31
CA LEU A 170 -17.47 0.97 0.11
C LEU A 170 -18.75 1.42 -0.61
N VAL A 171 -19.47 0.53 -1.29
CA VAL A 171 -20.68 0.90 -2.08
C VAL A 171 -21.88 0.17 -1.48
N TYR A 172 -22.95 0.89 -1.15
CA TYR A 172 -24.11 0.37 -0.38
C TYR A 172 -25.30 0.09 -1.33
N HIS A 173 -25.40 0.73 -2.51
CA HIS A 173 -26.58 0.61 -3.40
C HIS A 173 -26.17 0.24 -4.83
N ARG A 174 -27.06 -0.39 -5.61
CA ARG A 174 -26.87 -0.64 -7.06
C ARG A 174 -26.76 0.70 -7.79
N GLU A 175 -27.63 1.68 -7.49
CA GLU A 175 -27.59 3.05 -8.08
C GLU A 175 -26.18 3.64 -7.95
N GLY A 176 -25.54 3.47 -6.79
CA GLY A 176 -24.24 4.10 -6.48
C GLY A 176 -23.10 3.49 -7.26
N LEU A 177 -23.28 2.25 -7.70
CA LEU A 177 -22.35 1.49 -8.57
C LEU A 177 -22.41 2.03 -10.00
N GLY A 178 -23.64 2.02 -10.55
CA GLY A 178 -24.10 2.69 -11.79
C GLY A 178 -23.46 4.05 -12.06
N LYS A 179 -22.88 4.66 -11.03
CA LYS A 179 -22.28 6.02 -11.12
C LYS A 179 -20.77 6.00 -11.00
N LEU A 180 -20.16 4.82 -10.90
CA LEU A 180 -18.69 4.72 -10.79
C LEU A 180 -18.06 4.80 -12.18
N ARG A 181 -16.76 5.06 -12.26
CA ARG A 181 -16.07 5.18 -13.58
C ARG A 181 -15.32 3.89 -13.94
N PRO A 182 -15.75 3.17 -14.99
CA PRO A 182 -15.09 1.95 -15.45
C PRO A 182 -13.79 2.22 -16.20
N PRO A 183 -12.85 1.27 -16.36
CA PRO A 183 -12.94 -0.06 -15.78
C PRO A 183 -12.68 -0.10 -14.27
N LEU A 184 -13.48 -0.88 -13.57
CA LEU A 184 -13.36 -0.99 -12.10
C LEU A 184 -13.41 -2.46 -11.70
N VAL A 185 -12.97 -2.74 -10.50
CA VAL A 185 -12.99 -4.12 -9.96
C VAL A 185 -13.97 -4.15 -8.78
N LEU A 186 -14.82 -5.15 -8.74
CA LEU A 186 -15.83 -5.30 -7.67
C LEU A 186 -15.47 -6.50 -6.81
N GLN A 187 -15.52 -6.35 -5.50
CA GLN A 187 -15.31 -7.45 -4.53
C GLN A 187 -16.41 -7.42 -3.47
N GLU A 188 -17.01 -8.56 -3.16
CA GLU A 188 -18.00 -8.69 -2.05
C GLU A 188 -17.28 -8.41 -0.71
N PHE A 189 -17.95 -7.75 0.24
CA PHE A 189 -17.39 -7.39 1.57
C PHE A 189 -18.15 -8.08 2.74
N VAL A 190 -19.30 -8.71 2.49
CA VAL A 190 -20.19 -9.35 3.50
C VAL A 190 -19.56 -10.49 4.34
N ASN A 191 -18.49 -11.20 3.98
CA ASN A 191 -17.96 -12.26 4.87
C ASN A 191 -16.87 -11.75 5.85
N ALA A 192 -16.77 -10.45 6.07
CA ALA A 192 -15.61 -9.86 6.78
C ALA A 192 -15.94 -9.55 8.25
N GLY A 193 -17.22 -9.60 8.59
CA GLY A 193 -17.71 -9.14 9.91
C GLY A 193 -17.64 -7.62 10.05
N GLY A 194 -17.52 -6.90 8.93
CA GLY A 194 -17.52 -5.42 8.88
C GLY A 194 -16.17 -4.85 9.30
N VAL A 195 -15.11 -5.63 9.28
CA VAL A 195 -13.79 -5.26 9.86
C VAL A 195 -12.71 -5.45 8.80
N ILE A 196 -11.91 -4.40 8.55
CA ILE A 196 -10.66 -4.44 7.74
C ILE A 196 -9.47 -4.18 8.67
N PHE A 197 -8.42 -4.98 8.51
CA PHE A 197 -7.11 -4.84 9.17
C PHE A 197 -6.12 -4.24 8.16
N LYS A 198 -5.72 -2.96 8.34
CA LYS A 198 -4.65 -2.28 7.56
C LYS A 198 -3.31 -2.52 8.24
N VAL A 199 -2.40 -3.23 7.59
CA VAL A 199 -1.10 -3.65 8.16
C VAL A 199 0.03 -2.84 7.50
N TYR A 200 0.65 -1.92 8.26
CA TYR A 200 1.82 -1.12 7.82
C TYR A 200 3.09 -1.98 7.90
N VAL A 201 3.88 -2.00 6.83
CA VAL A 201 5.15 -2.78 6.73
C VAL A 201 6.32 -1.86 6.34
N VAL A 202 7.46 -2.07 6.98
CA VAL A 202 8.73 -1.38 6.67
C VAL A 202 9.77 -2.49 6.77
N GLY A 203 10.37 -3.00 5.70
CA GLY A 203 11.33 -4.09 5.97
C GLY A 203 10.57 -5.26 6.56
N GLY A 204 10.62 -5.40 7.89
CA GLY A 204 9.84 -6.40 8.66
C GLY A 204 8.84 -5.79 9.66
N HIS A 205 7.62 -5.42 9.21
CA HIS A 205 6.41 -5.01 10.00
C HIS A 205 6.39 -3.59 10.58
N VAL A 206 5.34 -3.26 11.39
CA VAL A 206 5.09 -1.93 12.08
C VAL A 206 3.80 -1.76 12.91
N THR A 207 2.61 -1.73 12.32
CA THR A 207 1.32 -1.31 13.00
C THR A 207 0.14 -2.02 12.32
N CYS A 208 -1.03 -2.14 12.98
CA CYS A 208 -2.32 -2.61 12.41
C CYS A 208 -3.42 -1.66 12.79
N VAL A 209 -4.11 -1.13 11.80
CA VAL A 209 -5.31 -0.30 12.10
C VAL A 209 -6.51 -1.23 11.94
N LYS A 210 -7.40 -1.29 12.92
CA LYS A 210 -8.62 -2.10 12.79
C LYS A 210 -9.71 -1.11 12.40
N ARG A 211 -10.35 -1.32 11.26
CA ARG A 211 -11.41 -0.42 10.79
C ARG A 211 -12.69 -1.23 10.75
N ARG A 212 -13.78 -0.73 11.33
CA ARG A 212 -15.03 -1.50 11.33
C ARG A 212 -16.06 -0.76 10.49
N SER A 213 -16.58 -1.40 9.45
CA SER A 213 -17.59 -0.76 8.56
C SER A 213 -18.92 -1.47 8.75
N LEU A 214 -20.00 -0.97 8.18
CA LEU A 214 -21.28 -1.62 8.49
C LEU A 214 -22.08 -1.90 7.23
N PRO A 215 -23.01 -2.88 7.25
CA PRO A 215 -23.87 -3.25 6.12
C PRO A 215 -24.88 -2.19 5.68
N ASP A 216 -25.16 -1.19 6.51
CA ASP A 216 -26.06 -0.07 6.15
C ASP A 216 -25.21 1.19 6.03
N VAL A 217 -25.50 2.08 5.10
CA VAL A 217 -24.52 3.18 4.84
C VAL A 217 -24.24 4.14 6.00
N SER A 218 -25.27 4.75 6.61
CA SER A 218 -25.36 5.80 7.68
C SER A 218 -26.50 6.77 7.31
N PRO A 219 -26.61 7.24 6.06
CA PRO A 219 -27.78 7.99 5.61
C PRO A 219 -28.97 7.04 5.65
N GLU A 220 -28.76 5.78 5.25
CA GLU A 220 -29.87 4.80 5.27
C GLU A 220 -30.34 4.53 6.72
N ASP A 221 -29.41 4.34 7.66
CA ASP A 221 -29.76 4.05 9.08
C ASP A 221 -28.67 4.64 9.96
N ASP A 222 -28.99 5.19 11.13
CA ASP A 222 -27.91 5.78 11.96
C ASP A 222 -27.18 4.68 12.75
N ALA A 223 -26.31 3.95 12.06
CA ALA A 223 -25.49 2.86 12.62
C ALA A 223 -24.02 3.31 12.59
N SER A 224 -23.18 2.73 13.44
CA SER A 224 -21.80 3.26 13.58
C SER A 224 -20.70 2.36 13.03
N ALA A 225 -19.57 3.03 12.77
CA ALA A 225 -18.29 2.50 12.27
C ALA A 225 -17.19 2.93 13.26
N GLN A 226 -16.06 2.22 13.32
CA GLN A 226 -15.03 2.62 14.31
C GLN A 226 -13.62 2.21 13.88
N GLY A 227 -12.61 2.91 14.42
CA GLY A 227 -11.19 2.64 14.12
C GLY A 227 -10.34 2.58 15.38
N SER A 228 -9.49 1.58 15.50
CA SER A 228 -8.53 1.42 16.62
C SER A 228 -7.16 1.04 16.08
N VAL A 229 -6.11 1.15 16.91
CA VAL A 229 -4.71 0.90 16.43
C VAL A 229 -4.02 -0.08 17.38
N SER A 230 -3.10 -0.91 16.88
CA SER A 230 -2.32 -1.85 17.74
C SER A 230 -0.97 -2.14 17.08
N PHE A 231 0.00 -2.63 17.87
CA PHE A 231 1.32 -3.11 17.36
C PHE A 231 1.95 -4.05 18.37
N VAL A 257 -8.29 -9.26 16.56
CA VAL A 257 -6.98 -8.88 15.96
C VAL A 257 -6.17 -10.13 15.60
N PRO A 258 -5.67 -10.25 14.36
CA PRO A 258 -5.12 -11.52 13.87
C PRO A 258 -3.79 -11.90 14.50
N PRO A 259 -3.47 -13.22 14.62
CA PRO A 259 -2.19 -13.68 15.16
C PRO A 259 -0.99 -12.92 14.58
N ALA A 260 -0.09 -12.46 15.44
CA ALA A 260 1.11 -11.66 15.10
C ALA A 260 2.15 -12.48 14.31
N ALA A 261 2.27 -13.79 14.53
CA ALA A 261 3.30 -14.64 13.85
C ALA A 261 2.89 -14.83 12.38
N PHE A 262 1.58 -14.81 12.17
CA PHE A 262 0.89 -15.02 10.87
C PHE A 262 1.00 -13.74 10.02
N ILE A 263 0.65 -12.61 10.61
CA ILE A 263 0.79 -11.26 9.98
C ILE A 263 2.23 -11.08 9.47
N ASN A 264 3.26 -11.50 10.22
CA ASN A 264 4.67 -11.40 9.79
C ASN A 264 4.96 -12.41 8.69
N GLN A 265 4.36 -13.60 8.75
CA GLN A 265 4.51 -14.60 7.67
C GLN A 265 4.02 -13.96 6.36
N ILE A 266 2.79 -13.43 6.35
CA ILE A 266 2.15 -12.77 5.17
C ILE A 266 3.08 -11.63 4.72
N ALA A 267 3.27 -10.62 5.59
CA ALA A 267 4.06 -9.40 5.33
C ALA A 267 5.41 -9.76 4.69
N GLY A 268 6.07 -10.77 5.22
CA GLY A 268 7.35 -11.29 4.68
C GLY A 268 7.19 -11.72 3.23
N GLY A 269 6.13 -12.46 2.91
CA GLY A 269 5.91 -13.04 1.56
C GLY A 269 5.53 -11.96 0.55
N LEU A 270 4.63 -11.07 0.93
CA LEU A 270 4.29 -9.87 0.12
C LEU A 270 5.60 -9.20 -0.29
N ARG A 271 6.50 -8.95 0.65
CA ARG A 271 7.75 -8.19 0.38
C ARG A 271 8.64 -8.98 -0.59
N ARG A 272 8.82 -10.28 -0.37
CA ARG A 272 9.63 -11.15 -1.27
C ARG A 272 9.01 -11.11 -2.68
N ALA A 273 7.68 -11.11 -2.79
CA ALA A 273 6.97 -11.35 -4.06
C ALA A 273 6.83 -10.04 -4.85
N LEU A 274 6.44 -8.96 -4.17
CA LEU A 274 6.26 -7.62 -4.78
C LEU A 274 7.61 -6.92 -4.95
N GLY A 275 8.66 -7.28 -4.18
CA GLY A 275 9.97 -6.59 -4.14
C GLY A 275 9.89 -5.14 -3.62
N LEU A 276 8.90 -4.82 -2.80
CA LEU A 276 8.66 -3.50 -2.19
C LEU A 276 9.09 -3.54 -0.72
N GLN A 277 9.67 -2.46 -0.17
CA GLN A 277 10.02 -2.42 1.28
C GLN A 277 9.01 -1.56 2.04
N LEU A 278 8.35 -0.64 1.37
CA LEU A 278 7.41 0.29 2.04
C LEU A 278 6.00 0.11 1.45
N PHE A 279 5.14 -0.65 2.12
CA PHE A 279 3.70 -0.83 1.74
C PHE A 279 2.87 -1.08 2.98
N ASN A 280 1.58 -0.78 2.88
CA ASN A 280 0.57 -1.40 3.75
C ASN A 280 -0.32 -2.30 2.90
N PHE A 281 -1.02 -3.23 3.55
CA PHE A 281 -1.91 -4.22 2.90
C PHE A 281 -3.19 -4.37 3.72
N ASP A 282 -4.33 -4.38 3.05
CA ASP A 282 -5.65 -4.51 3.70
C ASP A 282 -5.92 -6.02 3.83
N MET A 283 -6.45 -6.47 4.96
CA MET A 283 -6.89 -7.88 5.07
C MET A 283 -8.13 -8.00 5.95
N ILE A 284 -8.95 -9.01 5.60
CA ILE A 284 -10.20 -9.39 6.32
C ILE A 284 -10.04 -10.79 6.89
N ARG A 285 -10.70 -11.04 8.02
CA ARG A 285 -11.05 -12.44 8.43
C ARG A 285 -12.33 -12.86 7.67
N ASP A 286 -12.30 -14.05 7.08
CA ASP A 286 -13.50 -14.80 6.64
C ASP A 286 -14.19 -15.31 7.90
N VAL A 287 -15.21 -14.61 8.38
CA VAL A 287 -15.83 -14.89 9.71
C VAL A 287 -16.82 -16.07 9.60
N ARG A 288 -16.76 -16.89 8.56
CA ARG A 288 -17.64 -18.08 8.41
C ARG A 288 -17.02 -19.27 9.15
N ALA A 289 -15.83 -19.70 8.74
CA ALA A 289 -14.85 -20.54 9.47
C ALA A 289 -14.35 -19.78 10.71
N GLY A 290 -13.56 -18.72 10.53
CA GLY A 290 -13.10 -17.79 11.61
C GLY A 290 -11.62 -17.90 11.94
N ASP A 291 -10.81 -18.32 10.95
CA ASP A 291 -9.38 -18.69 11.07
C ASP A 291 -8.70 -18.62 9.69
N ARG A 292 -9.46 -18.23 8.66
CA ARG A 292 -8.97 -17.96 7.29
C ARG A 292 -8.93 -16.44 7.12
N TYR A 293 -7.86 -15.91 6.52
CA TYR A 293 -7.71 -14.45 6.26
C TYR A 293 -7.56 -14.22 4.77
N LEU A 294 -7.99 -13.06 4.31
CA LEU A 294 -7.86 -12.77 2.86
C LEU A 294 -7.22 -11.39 2.70
N VAL A 295 -6.25 -11.29 1.81
CA VAL A 295 -5.64 -10.02 1.39
C VAL A 295 -6.53 -9.40 0.32
N ILE A 296 -7.07 -8.22 0.58
CA ILE A 296 -7.93 -7.48 -0.38
C ILE A 296 -7.24 -6.25 -0.99
N ASP A 297 -6.03 -5.84 -0.59
CA ASP A 297 -5.42 -4.60 -1.18
C ASP A 297 -3.98 -4.40 -0.75
N ILE A 298 -3.23 -3.64 -1.56
CA ILE A 298 -1.82 -3.26 -1.30
C ILE A 298 -1.55 -1.83 -1.78
N ASN A 299 -0.95 -0.99 -0.93
CA ASN A 299 -0.68 0.44 -1.25
C ASN A 299 0.81 0.71 -0.99
N TYR A 300 1.48 1.36 -1.96
CA TYR A 300 2.90 1.78 -1.87
C TYR A 300 3.01 2.90 -0.84
N PHE A 301 4.03 2.82 0.03
CA PHE A 301 4.54 3.93 0.88
C PHE A 301 3.38 4.67 1.52
N PRO A 302 2.65 4.06 2.46
CA PRO A 302 1.55 4.76 3.13
C PRO A 302 2.00 5.79 4.17
N GLY A 303 1.04 6.35 4.91
CA GLY A 303 1.30 7.41 5.91
C GLY A 303 1.86 6.88 7.23
N TYR A 304 3.11 6.44 7.25
CA TYR A 304 3.82 5.99 8.48
C TYR A 304 3.84 7.04 9.58
N ALA A 305 3.75 8.33 9.29
CA ALA A 305 3.84 9.37 10.35
C ALA A 305 2.59 9.40 11.24
N LYS A 306 1.51 8.75 10.85
CA LYS A 306 0.26 8.73 11.66
C LYS A 306 0.49 7.86 12.90
N MET A 307 1.33 6.81 12.82
CA MET A 307 1.80 5.98 13.96
C MET A 307 2.89 6.68 14.79
N PRO A 308 2.67 7.14 16.06
CA PRO A 308 3.78 7.46 17.00
C PRO A 308 4.91 6.42 17.15
N GLY A 309 6.16 6.90 17.20
CA GLY A 309 7.34 6.03 17.15
C GLY A 309 7.74 5.60 15.76
N TYR A 310 7.16 6.19 14.71
CA TYR A 310 7.54 5.83 13.31
C TYR A 310 9.01 6.20 13.03
N GLU A 311 9.51 7.26 13.67
CA GLU A 311 10.86 7.77 13.38
C GLU A 311 11.91 6.70 13.70
N THR A 312 11.74 5.94 14.78
CA THR A 312 12.71 4.92 15.25
C THR A 312 12.72 3.78 14.22
N VAL A 313 11.52 3.37 13.81
CA VAL A 313 11.31 2.24 12.88
C VAL A 313 11.94 2.62 11.55
N LEU A 314 11.65 3.80 11.03
CA LEU A 314 12.22 4.18 9.72
C LEU A 314 13.72 4.41 9.78
N THR A 315 14.25 4.89 10.90
CA THR A 315 15.71 5.11 11.04
C THR A 315 16.40 3.74 11.10
N ASP A 316 15.82 2.73 11.79
CA ASP A 316 16.47 1.38 11.84
C ASP A 316 16.48 0.84 10.41
N PHE A 317 15.39 1.08 9.68
CA PHE A 317 15.23 0.63 8.27
C PHE A 317 16.37 1.23 7.41
N PHE A 318 16.53 2.56 7.39
CA PHE A 318 17.62 3.26 6.64
C PHE A 318 18.98 2.67 7.02
N TRP A 319 19.20 2.37 8.31
CA TRP A 319 20.48 1.79 8.77
C TRP A 319 20.73 0.44 8.05
N GLU A 320 19.78 -0.48 8.14
CA GLU A 320 19.82 -1.80 7.44
C GLU A 320 20.11 -1.57 5.96
N MET A 321 19.41 -0.64 5.32
CA MET A 321 19.45 -0.49 3.84
C MET A 321 20.85 -0.05 3.43
N VAL A 322 21.51 0.82 4.21
CA VAL A 322 22.85 1.36 3.76
C VAL A 322 23.99 0.45 4.23
N HIS A 323 23.74 -0.71 4.85
CA HIS A 323 24.81 -1.62 5.37
C HIS A 323 24.87 -3.01 4.71
N LYS A 324 23.86 -3.42 3.94
CA LYS A 324 23.81 -4.78 3.30
C LYS A 324 25.22 -5.28 2.96
#